data_7Z3W
#
_entry.id   7Z3W
#
_cell.length_a   62.173
_cell.length_b   89.832
_cell.length_c   123.734
_cell.angle_alpha   90.000
_cell.angle_beta   90.000
_cell.angle_gamma   90.000
#
_symmetry.space_group_name_H-M   'P 21 21 21'
#
loop_
_entity.id
_entity.type
_entity.pdbx_description
1 polymer 'AAL160 Fab heavy-chain'
2 polymer 'AAL160 Fab light-chain'
3 non-polymer 2-{2-[2-2-(METHOXY-ETHOXY)-ETHOXY]-ETHOXY}-ETHANOL
4 water water
#
loop_
_entity_poly.entity_id
_entity_poly.type
_entity_poly.pdbx_seq_one_letter_code
_entity_poly.pdbx_strand_id
1 'polypeptide(L)'
;EVQLVQSGAEVKKPGESLKISCKGSGYSFTSYWIGWVRQMPGKGLEWMGIIYPSDSDTRYSPSFQGQVTISADKSISTAY
LQWSSLKASDTAMYYCARYTNWDAFDIWGQGTMVTVSSASTKGPSVFPLAPSSKSTSGGTAALGCLVKDYFPEPVTVSWN
SGALTSGVHTFPAVLQSSGLYSLSSVVTVPSSSLGTQTYICNVNHKPSNTKVDKRVEPKSCDKTH
;
H
2 'polypeptide(L)'
;EIVLTQSPATLSLSPGERATLSCRASQSVSSYLAWYQQKPGQAPRLLIYDASNRATGIPARFSGSGSGTDFTLTISSLEP
EDFAVYYCQQRSNWMFPFGQGTKLEIKRTVAAPSVFIFPPSDEQLKSGTASVVCLLNNFYPREAKVQWKVDNALQSGNSQ
ESVTEQDSKDSTYSLSSTLTLSKADYEKHKVYACEVTHQGLSSPVTKSFNRGEC
;
L
#
loop_
_chem_comp.id
_chem_comp.type
_chem_comp.name
_chem_comp.formula
ETE non-polymer 2-{2-[2-2-(METHOXY-ETHOXY)-ETHOXY]-ETHOXY}-ETHANOL 'C9 H20 O5'
#
# COMPACT_ATOMS: atom_id res chain seq x y z
N GLU A 1 -26.97 0.37 15.68
CA GLU A 1 -25.71 -0.15 15.16
C GLU A 1 -24.55 0.48 15.90
N VAL A 2 -23.65 -0.34 16.43
CA VAL A 2 -22.48 0.16 17.13
C VAL A 2 -21.45 0.61 16.08
N GLN A 3 -21.00 1.87 16.13
CA GLN A 3 -19.98 2.32 15.19
C GLN A 3 -19.09 3.41 15.74
N LEU A 4 -17.91 3.55 15.14
CA LEU A 4 -16.94 4.61 15.38
C LEU A 4 -16.77 5.30 14.03
N VAL A 5 -16.98 6.62 13.98
CA VAL A 5 -16.87 7.39 12.75
C VAL A 5 -15.77 8.40 12.96
N GLN A 6 -14.76 8.37 12.10
CA GLN A 6 -13.60 9.25 12.23
C GLN A 6 -13.72 10.47 11.31
N SER A 7 -12.95 11.53 11.60
CA SER A 7 -12.94 12.76 10.81
C SER A 7 -12.22 12.52 9.44
N GLY A 8 -12.41 13.44 8.51
CA GLY A 8 -11.91 13.28 7.15
C GLY A 8 -10.41 13.36 7.00
N ALA A 9 -9.94 13.00 5.80
CA ALA A 9 -8.52 13.01 5.44
C ALA A 9 -7.91 14.38 5.65
N GLU A 10 -6.65 14.41 6.04
CA GLU A 10 -5.96 15.66 6.31
C GLU A 10 -4.68 15.71 5.50
N VAL A 11 -4.30 16.91 5.07
CA VAL A 11 -3.06 17.10 4.33
C VAL A 11 -2.39 18.30 5.01
N LYS A 12 -1.19 18.08 5.58
CA LYS A 12 -0.50 19.10 6.36
C LYS A 12 0.98 19.17 6.00
N LYS A 13 1.68 20.15 6.59
CA LYS A 13 3.11 20.33 6.45
C LYS A 13 3.78 20.06 7.78
N PRO A 14 5.05 19.61 7.76
CA PRO A 14 5.77 19.37 9.02
C PRO A 14 5.80 20.58 9.93
N GLY A 15 5.61 20.34 11.23
CA GLY A 15 5.58 21.41 12.21
C GLY A 15 4.17 21.82 12.58
N GLU A 16 3.20 21.61 11.67
CA GLU A 16 1.81 21.99 11.95
C GLU A 16 1.18 21.11 13.00
N SER A 17 0.26 21.69 13.78
CA SER A 17 -0.47 20.92 14.76
C SER A 17 -1.68 20.30 14.06
N LEU A 18 -2.21 19.22 14.63
CA LEU A 18 -3.35 18.53 14.06
C LEU A 18 -4.08 17.78 15.15
N LYS A 19 -5.42 17.80 15.12
CA LYS A 19 -6.23 17.01 16.02
C LYS A 19 -7.28 16.32 15.15
N ILE A 20 -7.32 14.98 15.22
CA ILE A 20 -8.31 14.17 14.51
C ILE A 20 -9.25 13.54 15.53
N SER A 21 -10.49 13.21 15.10
CA SER A 21 -11.48 12.74 16.04
C SER A 21 -12.09 11.39 15.66
N CYS A 22 -12.69 10.75 16.68
CA CYS A 22 -13.29 9.43 16.58
C CYS A 22 -14.58 9.53 17.40
N LYS A 23 -15.73 9.49 16.74
CA LYS A 23 -17.05 9.65 17.36
C LYS A 23 -17.77 8.30 17.50
N GLY A 24 -18.11 7.93 18.73
CA GLY A 24 -18.81 6.69 19.00
C GLY A 24 -20.33 6.84 18.90
N SER A 25 -21.01 5.79 18.41
CA SER A 25 -22.47 5.81 18.32
C SER A 25 -23.09 4.43 18.47
N GLY A 26 -24.30 4.38 18.99
CA GLY A 26 -25.00 3.12 19.22
C GLY A 26 -24.58 2.40 20.49
N TYR A 27 -23.87 3.06 21.40
CA TYR A 27 -23.43 2.43 22.64
C TYR A 27 -23.01 3.45 23.70
N SER A 28 -22.83 3.03 24.96
CA SER A 28 -22.37 3.90 26.02
C SER A 28 -20.83 4.13 25.89
N PHE A 29 -20.45 5.24 25.25
CA PHE A 29 -19.05 5.59 24.99
C PHE A 29 -18.19 5.66 26.21
N THR A 30 -18.74 6.15 27.32
CA THR A 30 -18.02 6.32 28.57
C THR A 30 -17.46 4.99 29.11
N SER A 31 -18.16 3.88 28.82
CA SER A 31 -17.95 2.54 29.35
C SER A 31 -16.89 1.66 28.69
N TYR A 32 -16.26 2.07 27.57
CA TYR A 32 -15.27 1.22 26.90
C TYR A 32 -14.01 1.99 26.58
N TRP A 33 -12.84 1.33 26.68
CA TRP A 33 -11.57 1.94 26.29
C TRP A 33 -11.56 2.16 24.77
N ILE A 34 -10.87 3.19 24.32
CA ILE A 34 -10.70 3.46 22.89
C ILE A 34 -9.20 3.44 22.61
N GLY A 35 -8.79 2.66 21.64
CA GLY A 35 -7.38 2.62 21.24
C GLY A 35 -7.16 3.33 19.93
N TRP A 36 -5.91 3.77 19.68
CA TRP A 36 -5.50 4.42 18.43
C TRP A 36 -4.40 3.55 17.84
N VAL A 37 -4.48 3.28 16.53
CA VAL A 37 -3.58 2.38 15.82
C VAL A 37 -3.12 3.07 14.54
N ARG A 38 -1.82 3.03 14.25
CA ARG A 38 -1.28 3.67 13.06
C ARG A 38 -0.96 2.58 12.00
N GLN A 39 -1.12 2.93 10.73
CA GLN A 39 -0.74 2.07 9.65
C GLN A 39 -0.03 2.92 8.59
N MET A 40 1.30 2.86 8.57
CA MET A 40 2.08 3.59 7.57
C MET A 40 1.90 2.93 6.20
N PRO A 41 2.09 3.69 5.11
CA PRO A 41 1.88 3.11 3.76
C PRO A 41 2.67 1.81 3.53
N GLY A 42 1.99 0.78 3.06
CA GLY A 42 2.62 -0.52 2.83
C GLY A 42 3.07 -1.27 4.08
N LYS A 43 2.73 -0.77 5.28
CA LYS A 43 3.16 -1.42 6.52
C LYS A 43 1.98 -2.02 7.30
N GLY A 44 2.27 -2.70 8.40
CA GLY A 44 1.28 -3.31 9.27
C GLY A 44 0.74 -2.36 10.31
N LEU A 45 0.03 -2.91 11.32
CA LEU A 45 -0.65 -2.14 12.35
C LEU A 45 0.28 -1.92 13.56
N GLU A 46 0.23 -0.72 14.15
CA GLU A 46 1.02 -0.43 15.32
C GLU A 46 0.11 0.23 16.31
N TRP A 47 0.03 -0.28 17.54
CA TRP A 47 -0.78 0.34 18.59
C TRP A 47 -0.07 1.60 19.09
N MET A 48 -0.80 2.72 19.25
CA MET A 48 -0.20 3.96 19.72
C MET A 48 -0.50 4.21 21.18
N GLY A 49 -1.76 4.02 21.56
CA GLY A 49 -2.21 4.32 22.91
C GLY A 49 -3.66 3.97 23.11
N ILE A 50 -4.14 4.20 24.34
CA ILE A 50 -5.52 3.87 24.70
C ILE A 50 -6.00 4.81 25.80
N ILE A 51 -7.32 5.07 25.82
CA ILE A 51 -7.90 5.94 26.82
C ILE A 51 -9.22 5.41 27.32
N TYR A 52 -9.48 5.59 28.60
CA TYR A 52 -10.76 5.19 29.18
C TYR A 52 -11.54 6.48 29.26
N PRO A 53 -12.60 6.67 28.45
CA PRO A 53 -13.27 7.97 28.43
C PRO A 53 -13.88 8.44 29.74
N SER A 54 -14.27 7.52 30.62
CA SER A 54 -14.85 7.88 31.92
C SER A 54 -13.98 8.85 32.77
N ASP A 55 -12.71 8.54 32.94
CA ASP A 55 -11.81 9.36 33.76
C ASP A 55 -10.58 9.87 32.96
N SER A 56 -10.54 9.61 31.64
CA SER A 56 -9.43 9.98 30.76
C SER A 56 -8.10 9.35 31.18
N ASP A 57 -8.16 8.13 31.78
CA ASP A 57 -6.97 7.35 32.14
C ASP A 57 -6.35 6.94 30.79
N THR A 58 -5.14 7.40 30.51
CA THR A 58 -4.50 7.20 29.22
C THR A 58 -3.17 6.45 29.33
N ARG A 59 -2.94 5.49 28.44
CA ARG A 59 -1.68 4.74 28.40
C ARG A 59 -1.14 4.80 26.99
N TYR A 60 0.14 5.07 26.83
CA TYR A 60 0.75 5.14 25.52
C TYR A 60 1.77 4.06 25.33
N SER A 61 2.01 3.69 24.09
CA SER A 61 3.10 2.80 23.74
C SER A 61 4.40 3.61 23.94
N PRO A 62 5.50 2.98 24.40
CA PRO A 62 6.76 3.72 24.57
C PRO A 62 7.25 4.43 23.29
N SER A 63 6.89 3.91 22.10
CA SER A 63 7.30 4.56 20.84
C SER A 63 6.50 5.85 20.55
N PHE A 64 5.37 6.08 21.25
CA PHE A 64 4.53 7.26 21.00
C PHE A 64 4.41 8.20 22.18
N GLN A 65 4.83 7.77 23.36
CA GLN A 65 4.81 8.56 24.59
C GLN A 65 5.60 9.87 24.38
N GLY A 66 4.96 11.01 24.66
CA GLY A 66 5.55 12.33 24.48
C GLY A 66 5.56 12.87 23.06
N GLN A 67 5.08 12.09 22.09
CA GLN A 67 5.05 12.50 20.69
C GLN A 67 3.60 12.87 20.24
N VAL A 68 2.59 12.27 20.87
CA VAL A 68 1.19 12.51 20.55
C VAL A 68 0.43 12.67 21.87
N THR A 69 -0.78 13.25 21.82
CA THR A 69 -1.63 13.34 22.99
C THR A 69 -2.98 12.69 22.62
N ILE A 70 -3.43 11.74 23.44
CA ILE A 70 -4.72 11.10 23.29
C ILE A 70 -5.61 11.68 24.36
N SER A 71 -6.82 12.08 23.95
CA SER A 71 -7.75 12.70 24.87
C SER A 71 -9.20 12.29 24.50
N ALA A 72 -10.17 12.62 25.37
CA ALA A 72 -11.55 12.30 25.06
C ALA A 72 -12.47 13.30 25.70
N ASP A 73 -13.58 13.58 25.01
CA ASP A 73 -14.67 14.39 25.54
C ASP A 73 -15.83 13.40 25.65
N LYS A 74 -16.00 12.77 26.82
CA LYS A 74 -17.06 11.77 26.99
C LYS A 74 -18.46 12.36 26.81
N SER A 75 -18.62 13.69 26.99
CA SER A 75 -19.91 14.33 26.87
C SER A 75 -20.46 14.31 25.44
N ILE A 76 -19.58 14.23 24.43
CA ILE A 76 -19.99 14.13 23.03
C ILE A 76 -19.44 12.83 22.41
N SER A 77 -19.15 11.79 23.23
CA SER A 77 -18.71 10.47 22.73
C SER A 77 -17.56 10.56 21.73
N THR A 78 -16.56 11.45 21.98
CA THR A 78 -15.49 11.61 21.02
C THR A 78 -14.12 11.47 21.62
N ALA A 79 -13.28 10.66 20.96
CA ALA A 79 -11.89 10.48 21.37
C ALA A 79 -11.06 11.26 20.34
N TYR A 80 -9.90 11.75 20.74
CA TYR A 80 -9.05 12.52 19.85
C TYR A 80 -7.60 12.01 19.91
N LEU A 81 -6.88 12.28 18.85
CA LEU A 81 -5.45 12.01 18.69
C LEU A 81 -4.90 13.32 18.18
N GLN A 82 -3.87 13.85 18.85
CA GLN A 82 -3.30 15.12 18.43
C GLN A 82 -1.78 15.14 18.42
N TRP A 83 -1.24 15.94 17.51
CA TRP A 83 0.18 16.19 17.38
C TRP A 83 0.36 17.70 17.49
N SER A 84 1.36 18.15 18.25
CA SER A 84 1.66 19.59 18.28
C SER A 84 2.59 19.95 17.10
N SER A 85 3.38 18.98 16.59
CA SER A 85 4.32 19.21 15.50
C SER A 85 4.40 17.98 14.60
N LEU A 86 3.62 17.93 13.49
CA LEU A 86 3.64 16.78 12.61
C LEU A 86 5.01 16.56 11.96
N LYS A 87 5.37 15.31 11.72
CA LYS A 87 6.60 14.93 11.02
C LYS A 87 6.17 14.36 9.70
N ALA A 88 7.08 14.35 8.69
CA ALA A 88 6.75 13.68 7.42
C ALA A 88 6.46 12.18 7.65
N SER A 89 7.15 11.57 8.65
CA SER A 89 6.96 10.15 8.96
C SER A 89 5.63 9.84 9.66
N ASP A 90 4.87 10.89 10.05
CA ASP A 90 3.51 10.69 10.59
C ASP A 90 2.49 10.43 9.46
N THR A 91 2.92 10.45 8.16
CA THR A 91 2.06 10.12 7.04
C THR A 91 1.61 8.67 7.19
N ALA A 92 0.30 8.47 7.46
CA ALA A 92 -0.21 7.13 7.74
C ALA A 92 -1.74 7.17 7.81
N MET A 93 -2.37 5.98 7.79
CA MET A 93 -3.78 5.85 8.07
C MET A 93 -3.86 5.69 9.60
N TYR A 94 -4.81 6.36 10.26
CA TYR A 94 -4.96 6.21 11.71
C TYR A 94 -6.35 5.65 11.97
N TYR A 95 -6.44 4.60 12.79
CA TYR A 95 -7.71 3.98 13.16
C TYR A 95 -7.95 4.15 14.64
N CYS A 96 -9.21 4.34 15.02
CA CYS A 96 -9.60 4.26 16.40
C CYS A 96 -10.39 2.96 16.51
N ALA A 97 -10.38 2.34 17.69
CA ALA A 97 -11.05 1.05 17.85
C ALA A 97 -11.51 0.89 19.29
N ARG A 98 -12.66 0.24 19.47
CA ARG A 98 -13.21 0.03 20.81
C ARG A 98 -12.61 -1.24 21.42
N TYR A 99 -12.04 -1.14 22.62
CA TYR A 99 -11.42 -2.28 23.28
C TYR A 99 -12.45 -2.84 24.27
N THR A 100 -12.52 -4.18 24.40
CA THR A 100 -13.48 -4.80 25.32
C THR A 100 -12.77 -5.68 26.36
N ASN A 101 -13.53 -6.15 27.37
CA ASN A 101 -13.02 -7.09 28.37
C ASN A 101 -12.68 -8.46 27.75
N TRP A 102 -12.95 -8.67 26.44
CA TRP A 102 -12.46 -9.86 25.75
C TRP A 102 -11.03 -9.65 25.21
N ASP A 103 -10.36 -8.51 25.57
CA ASP A 103 -9.00 -8.19 25.20
C ASP A 103 -8.87 -8.06 23.69
N ALA A 104 -9.89 -7.48 23.05
CA ALA A 104 -9.90 -7.36 21.60
C ALA A 104 -10.52 -6.02 21.20
N PHE A 105 -10.18 -5.55 20.00
CA PHE A 105 -10.74 -4.32 19.43
C PHE A 105 -11.93 -4.80 18.58
N ASP A 106 -13.16 -4.77 19.17
CA ASP A 106 -14.30 -5.39 18.46
C ASP A 106 -14.96 -4.52 17.37
N ILE A 107 -14.84 -3.19 17.48
CA ILE A 107 -15.40 -2.27 16.51
C ILE A 107 -14.29 -1.31 16.09
N TRP A 108 -14.14 -1.06 14.77
CA TRP A 108 -13.11 -0.15 14.31
C TRP A 108 -13.72 1.03 13.53
N GLY A 109 -13.07 2.18 13.64
CA GLY A 109 -13.41 3.33 12.81
C GLY A 109 -12.99 3.04 11.37
N GLN A 110 -13.43 3.89 10.42
CA GLN A 110 -13.12 3.68 9.01
C GLN A 110 -11.68 4.13 8.61
N GLY A 111 -11.01 4.83 9.51
CA GLY A 111 -9.67 5.34 9.30
C GLY A 111 -9.67 6.80 8.89
N THR A 112 -8.62 7.50 9.24
CA THR A 112 -8.39 8.88 8.85
C THR A 112 -7.02 8.88 8.22
N MET A 113 -6.92 9.26 6.94
CA MET A 113 -5.62 9.34 6.28
C MET A 113 -5.00 10.69 6.59
N VAL A 114 -3.76 10.71 7.07
CA VAL A 114 -3.05 11.95 7.37
C VAL A 114 -1.79 11.97 6.48
N THR A 115 -1.65 12.98 5.60
CA THR A 115 -0.50 13.08 4.72
C THR A 115 0.26 14.30 5.15
N VAL A 116 1.56 14.12 5.49
CA VAL A 116 2.39 15.23 5.95
C VAL A 116 3.55 15.41 4.98
N SER A 117 3.67 16.60 4.41
CA SER A 117 4.75 16.87 3.45
C SER A 117 5.08 18.35 3.37
N SER A 118 6.36 18.66 3.16
CA SER A 118 6.81 20.04 2.97
C SER A 118 6.31 20.61 1.64
N ALA A 119 5.83 19.76 0.71
CA ALA A 119 5.37 20.23 -0.59
C ALA A 119 4.02 20.94 -0.48
N SER A 120 3.79 21.89 -1.37
CA SER A 120 2.51 22.56 -1.49
C SER A 120 1.76 21.92 -2.67
N THR A 121 0.45 22.19 -2.78
CA THR A 121 -0.40 21.68 -3.85
C THR A 121 0.18 21.98 -5.22
N LYS A 122 0.28 20.94 -6.08
CA LYS A 122 0.94 21.11 -7.34
C LYS A 122 0.47 20.08 -8.34
N GLY A 123 0.10 20.54 -9.54
CA GLY A 123 -0.37 19.66 -10.61
C GLY A 123 0.77 18.87 -11.22
N PRO A 124 0.48 17.70 -11.79
CA PRO A 124 1.57 16.88 -12.36
C PRO A 124 2.12 17.38 -13.68
N SER A 125 3.35 16.94 -13.98
CA SER A 125 3.92 17.14 -15.32
C SER A 125 3.73 15.76 -15.95
N VAL A 126 3.19 15.68 -17.17
CA VAL A 126 2.91 14.39 -17.78
C VAL A 126 3.88 14.16 -18.96
N PHE A 127 4.63 13.04 -18.95
CA PHE A 127 5.60 12.76 -20.02
C PHE A 127 5.24 11.45 -20.73
N PRO A 128 5.54 11.34 -22.04
CA PRO A 128 5.21 10.08 -22.73
C PRO A 128 6.19 8.97 -22.39
N LEU A 129 5.69 7.72 -22.40
CA LEU A 129 6.43 6.46 -22.32
C LEU A 129 6.11 5.94 -23.73
N ALA A 130 6.88 6.40 -24.70
CA ALA A 130 6.60 6.16 -26.11
C ALA A 130 6.81 4.73 -26.56
N PRO A 131 5.92 4.21 -27.42
CA PRO A 131 6.14 2.86 -27.95
C PRO A 131 7.28 2.87 -28.97
N SER A 132 8.21 1.93 -28.86
CA SER A 132 9.34 1.85 -29.80
C SER A 132 9.28 0.56 -30.59
N SER A 137 10.75 -7.28 -31.66
CA SER A 137 10.07 -8.56 -31.86
C SER A 137 8.73 -8.64 -31.14
N GLY A 138 7.85 -9.52 -31.63
CA GLY A 138 6.54 -9.75 -31.04
C GLY A 138 5.41 -8.91 -31.62
N GLY A 139 4.18 -9.36 -31.40
CA GLY A 139 3.01 -8.64 -31.87
C GLY A 139 2.47 -7.62 -30.89
N THR A 140 3.12 -7.46 -29.72
CA THR A 140 2.65 -6.52 -28.71
C THR A 140 3.60 -5.38 -28.43
N ALA A 141 3.06 -4.18 -28.30
CA ALA A 141 3.85 -3.01 -27.93
C ALA A 141 3.32 -2.43 -26.60
N ALA A 142 4.20 -1.81 -25.82
CA ALA A 142 3.78 -1.14 -24.59
C ALA A 142 4.00 0.35 -24.73
N LEU A 143 3.08 1.14 -24.15
CA LEU A 143 3.20 2.59 -24.16
C LEU A 143 2.58 3.13 -22.86
N GLY A 144 2.75 4.42 -22.57
CA GLY A 144 2.17 4.96 -21.35
C GLY A 144 2.42 6.43 -21.10
N CYS A 145 2.10 6.87 -19.88
CA CYS A 145 2.36 8.24 -19.46
C CYS A 145 3.00 8.19 -18.10
N LEU A 146 3.99 9.02 -17.91
CA LEU A 146 4.62 9.16 -16.62
C LEU A 146 4.02 10.44 -16.04
N VAL A 147 3.32 10.32 -14.91
CA VAL A 147 2.62 11.42 -14.24
C VAL A 147 3.44 11.78 -13.00
N LYS A 148 4.28 12.79 -13.15
CA LYS A 148 5.30 13.10 -12.18
C LYS A 148 5.15 14.40 -11.42
N ASP A 149 5.67 14.41 -10.18
CA ASP A 149 5.77 15.62 -9.36
C ASP A 149 4.47 16.35 -9.08
N TYR A 150 3.50 15.61 -8.52
CA TYR A 150 2.24 16.22 -8.12
C TYR A 150 2.04 16.01 -6.62
N PHE A 151 1.12 16.79 -6.06
CA PHE A 151 0.82 16.71 -4.64
C PHE A 151 -0.47 17.47 -4.39
N PRO A 152 -1.35 16.94 -3.52
CA PRO A 152 -1.29 15.61 -2.89
C PRO A 152 -1.97 14.58 -3.79
N GLU A 153 -2.18 13.35 -3.25
CA GLU A 153 -2.98 12.36 -3.94
C GLU A 153 -4.43 12.83 -3.91
N PRO A 154 -5.26 12.39 -4.86
CA PRO A 154 -4.97 11.45 -5.93
C PRO A 154 -4.98 12.08 -7.32
N VAL A 155 -4.48 11.34 -8.29
CA VAL A 155 -4.69 11.65 -9.69
C VAL A 155 -5.51 10.49 -10.24
N THR A 156 -6.28 10.75 -11.29
CA THR A 156 -6.96 9.67 -12.02
C THR A 156 -6.39 9.68 -13.44
N VAL A 157 -6.29 8.49 -14.04
CA VAL A 157 -5.83 8.36 -15.41
C VAL A 157 -6.78 7.46 -16.16
N SER A 158 -7.25 7.92 -17.30
CA SER A 158 -8.02 7.09 -18.20
C SER A 158 -7.29 7.15 -19.57
N TRP A 159 -7.62 6.26 -20.49
CA TRP A 159 -7.03 6.24 -21.82
C TRP A 159 -8.14 6.40 -22.84
N ASN A 160 -7.93 7.29 -23.83
CA ASN A 160 -8.90 7.59 -24.90
C ASN A 160 -10.30 7.87 -24.36
N SER A 161 -10.38 8.69 -23.31
CA SER A 161 -11.61 9.12 -22.63
C SER A 161 -12.42 7.95 -22.04
N GLY A 162 -11.74 6.87 -21.66
CA GLY A 162 -12.40 5.71 -21.10
C GLY A 162 -12.72 4.62 -22.10
N ALA A 163 -12.45 4.85 -23.39
CA ALA A 163 -12.72 3.84 -24.42
C ALA A 163 -11.68 2.72 -24.44
N LEU A 164 -10.46 3.00 -23.89
CA LEU A 164 -9.39 2.01 -23.83
C LEU A 164 -9.21 1.60 -22.35
N THR A 165 -9.57 0.36 -22.01
CA THR A 165 -9.46 -0.15 -20.64
C THR A 165 -8.72 -1.47 -20.58
N SER A 166 -8.80 -2.29 -21.65
CA SER A 166 -8.10 -3.58 -21.65
C SER A 166 -6.59 -3.40 -21.76
N GLY A 167 -5.86 -4.08 -20.90
CA GLY A 167 -4.41 -4.00 -20.91
C GLY A 167 -3.83 -2.79 -20.19
N VAL A 168 -4.68 -1.97 -19.57
CA VAL A 168 -4.24 -0.77 -18.84
C VAL A 168 -3.79 -1.14 -17.41
N HIS A 169 -2.64 -0.63 -16.97
CA HIS A 169 -2.22 -0.78 -15.58
C HIS A 169 -1.79 0.60 -15.13
N THR A 170 -2.44 1.14 -14.12
CA THR A 170 -2.05 2.44 -13.56
C THR A 170 -1.45 2.10 -12.20
N PHE A 171 -0.15 2.35 -12.02
CA PHE A 171 0.53 1.97 -10.82
C PHE A 171 0.15 2.80 -9.64
N PRO A 172 0.20 2.21 -8.42
CA PRO A 172 0.03 3.04 -7.21
C PRO A 172 1.12 4.13 -7.19
N ALA A 173 0.77 5.33 -6.74
CA ALA A 173 1.73 6.42 -6.63
C ALA A 173 2.82 6.10 -5.61
N VAL A 174 4.02 6.59 -5.86
CA VAL A 174 5.13 6.42 -4.94
C VAL A 174 5.55 7.82 -4.53
N LEU A 175 5.70 8.06 -3.22
CA LEU A 175 6.14 9.36 -2.74
C LEU A 175 7.64 9.44 -2.97
N GLN A 176 8.07 10.42 -3.75
CA GLN A 176 9.48 10.59 -4.04
C GLN A 176 10.16 11.31 -2.84
N SER A 177 11.49 11.35 -2.83
CA SER A 177 12.24 12.02 -1.75
C SER A 177 11.89 13.51 -1.63
N SER A 178 11.50 14.13 -2.76
CA SER A 178 11.12 15.54 -2.86
C SER A 178 9.81 15.87 -2.17
N GLY A 179 9.07 14.86 -1.71
CA GLY A 179 7.76 15.07 -1.12
C GLY A 179 6.64 15.16 -2.14
N LEU A 180 6.94 14.91 -3.41
CA LEU A 180 5.95 14.94 -4.49
C LEU A 180 5.73 13.49 -4.96
N TYR A 181 4.52 13.16 -5.40
CA TYR A 181 4.18 11.83 -5.87
C TYR A 181 4.52 11.67 -7.35
N SER A 182 4.61 10.43 -7.80
CA SER A 182 4.81 10.08 -9.19
C SER A 182 4.27 8.70 -9.42
N LEU A 183 3.74 8.49 -10.63
CA LEU A 183 3.26 7.18 -11.04
C LEU A 183 3.31 7.07 -12.57
N SER A 184 3.27 5.85 -13.08
CA SER A 184 3.14 5.64 -14.52
C SER A 184 1.80 4.91 -14.74
N SER A 185 1.19 5.12 -15.90
CA SER A 185 0.01 4.36 -16.32
C SER A 185 0.44 3.83 -17.67
N VAL A 186 0.38 2.50 -17.87
CA VAL A 186 0.82 1.90 -19.11
C VAL A 186 -0.31 1.08 -19.75
N VAL A 187 -0.16 0.78 -21.03
CA VAL A 187 -1.11 -0.06 -21.74
C VAL A 187 -0.33 -0.87 -22.79
N THR A 188 -0.70 -2.14 -22.98
CA THR A 188 -0.13 -2.98 -24.03
C THR A 188 -1.17 -3.04 -25.14
N VAL A 189 -0.71 -2.83 -26.38
CA VAL A 189 -1.59 -2.79 -27.55
C VAL A 189 -0.94 -3.60 -28.69
N PRO A 190 -1.70 -3.99 -29.73
CA PRO A 190 -1.09 -4.69 -30.88
C PRO A 190 -0.10 -3.74 -31.56
N SER A 191 1.15 -4.18 -31.78
CA SER A 191 2.17 -3.34 -32.43
C SER A 191 1.71 -2.84 -33.82
N SER A 192 0.83 -3.61 -34.49
CA SER A 192 0.25 -3.24 -35.79
C SER A 192 -0.72 -2.05 -35.71
N SER A 193 -1.20 -1.70 -34.50
CA SER A 193 -2.13 -0.59 -34.32
C SER A 193 -1.43 0.76 -34.11
N LEU A 194 -0.10 0.79 -33.92
CA LEU A 194 0.67 1.99 -33.68
C LEU A 194 0.59 3.05 -34.79
N GLY A 195 0.55 2.61 -36.04
CA GLY A 195 0.44 3.55 -37.15
C GLY A 195 -0.96 4.08 -37.39
N THR A 196 -1.96 3.35 -36.90
CA THR A 196 -3.37 3.64 -37.12
C THR A 196 -4.09 4.31 -35.96
N GLN A 197 -3.92 3.79 -34.74
CA GLN A 197 -4.65 4.23 -33.56
C GLN A 197 -3.95 5.34 -32.76
N THR A 198 -4.75 6.32 -32.35
CA THR A 198 -4.30 7.44 -31.52
C THR A 198 -4.43 7.01 -30.05
N TYR A 199 -3.41 7.27 -29.21
CA TYR A 199 -3.42 6.92 -27.79
C TYR A 199 -3.21 8.15 -26.96
N ILE A 200 -4.19 8.49 -26.12
CA ILE A 200 -4.13 9.69 -25.30
C ILE A 200 -4.40 9.33 -23.86
N CYS A 201 -3.56 9.78 -22.91
CA CYS A 201 -3.83 9.53 -21.51
C CYS A 201 -4.49 10.79 -20.93
N ASN A 202 -5.62 10.62 -20.23
CA ASN A 202 -6.35 11.76 -19.67
C ASN A 202 -6.06 11.77 -18.20
N VAL A 203 -5.35 12.79 -17.74
CA VAL A 203 -4.88 12.86 -16.36
C VAL A 203 -5.61 13.96 -15.60
N ASN A 204 -6.25 13.63 -14.49
CA ASN A 204 -6.96 14.63 -13.71
C ASN A 204 -6.41 14.73 -12.30
N HIS A 205 -6.10 15.95 -11.83
CA HIS A 205 -5.62 16.17 -10.47
C HIS A 205 -6.56 17.23 -9.84
N LYS A 206 -7.63 16.79 -9.19
CA LYS A 206 -8.61 17.69 -8.58
C LYS A 206 -8.03 18.69 -7.56
N PRO A 207 -7.09 18.32 -6.66
CA PRO A 207 -6.57 19.33 -5.71
C PRO A 207 -5.95 20.59 -6.35
N SER A 208 -5.39 20.50 -7.57
CA SER A 208 -4.84 21.68 -8.26
C SER A 208 -5.71 22.15 -9.40
N ASN A 209 -6.87 21.50 -9.64
CA ASN A 209 -7.77 21.79 -10.75
C ASN A 209 -7.03 21.66 -12.09
N THR A 210 -6.13 20.66 -12.21
CA THR A 210 -5.35 20.41 -13.42
C THR A 210 -5.94 19.23 -14.20
N LYS A 211 -6.02 19.37 -15.50
CA LYS A 211 -6.47 18.29 -16.37
C LYS A 211 -5.58 18.36 -17.60
N VAL A 212 -4.93 17.24 -17.94
CA VAL A 212 -4.01 17.19 -19.08
C VAL A 212 -4.37 15.99 -19.95
N ASP A 213 -4.50 16.15 -21.27
CA ASP A 213 -4.67 15.04 -22.20
C ASP A 213 -3.34 14.95 -22.95
N LYS A 214 -2.57 13.88 -22.76
CA LYS A 214 -1.27 13.77 -23.43
C LYS A 214 -1.31 12.76 -24.56
N ARG A 215 -1.00 13.19 -25.80
CA ARG A 215 -0.97 12.26 -26.93
C ARG A 215 0.38 11.53 -26.92
N VAL A 216 0.35 10.21 -26.90
CA VAL A 216 1.56 9.40 -26.85
C VAL A 216 1.81 8.83 -28.22
N GLU A 217 2.85 9.31 -28.90
CA GLU A 217 3.16 8.87 -30.26
C GLU A 217 4.43 8.02 -30.33
N PRO A 218 4.49 7.06 -31.27
CA PRO A 218 5.71 6.26 -31.41
C PRO A 218 6.80 7.03 -32.16
N GLU B 1 6.25 -6.23 26.22
CA GLU B 1 7.60 -6.59 25.79
C GLU B 1 7.67 -7.85 24.92
N ILE B 2 6.51 -8.46 24.58
CA ILE B 2 6.54 -9.66 23.76
C ILE B 2 6.54 -9.32 22.26
N VAL B 3 6.98 -10.27 21.44
CA VAL B 3 6.99 -10.15 19.99
C VAL B 3 6.06 -11.24 19.45
N LEU B 4 5.19 -10.91 18.47
CA LEU B 4 4.34 -11.92 17.86
C LEU B 4 4.85 -12.18 16.45
N THR B 5 5.21 -13.41 16.13
CA THR B 5 5.77 -13.76 14.83
C THR B 5 4.75 -14.55 14.01
N GLN B 6 4.32 -13.99 12.91
CA GLN B 6 3.36 -14.62 12.04
C GLN B 6 4.06 -15.33 10.91
N SER B 7 3.52 -16.50 10.53
CA SER B 7 4.04 -17.22 9.40
C SER B 7 2.93 -17.99 8.67
N PRO B 8 3.08 -18.17 7.36
CA PRO B 8 4.14 -17.58 6.49
C PRO B 8 3.85 -16.08 6.25
N ALA B 9 4.81 -15.32 5.70
CA ALA B 9 4.55 -13.89 5.38
C ALA B 9 3.48 -13.79 4.27
N THR B 10 3.53 -14.70 3.29
CA THR B 10 2.54 -14.79 2.23
C THR B 10 2.09 -16.23 2.16
N LEU B 11 0.77 -16.46 2.24
CA LEU B 11 0.22 -17.80 2.09
C LEU B 11 -0.51 -17.78 0.75
N SER B 12 -0.06 -18.58 -0.22
CA SER B 12 -0.65 -18.60 -1.55
C SER B 12 -1.55 -19.82 -1.75
N LEU B 13 -2.86 -19.58 -1.89
CA LEU B 13 -3.82 -20.67 -2.05
C LEU B 13 -4.95 -20.26 -3.01
N SER B 14 -5.87 -21.19 -3.32
CA SER B 14 -6.98 -20.86 -4.22
C SER B 14 -8.29 -20.93 -3.47
N PRO B 15 -9.36 -20.23 -3.94
CA PRO B 15 -10.69 -20.41 -3.33
C PRO B 15 -11.06 -21.91 -3.39
N GLY B 16 -11.64 -22.41 -2.31
CA GLY B 16 -11.99 -23.83 -2.18
C GLY B 16 -11.01 -24.60 -1.31
N GLU B 17 -9.79 -24.04 -1.12
CA GLU B 17 -8.76 -24.70 -0.33
C GLU B 17 -8.77 -24.32 1.15
N ARG B 18 -8.14 -25.15 1.97
CA ARG B 18 -8.07 -24.92 3.40
C ARG B 18 -6.81 -24.08 3.73
N ALA B 19 -6.96 -23.05 4.57
CA ALA B 19 -5.84 -22.20 4.93
C ALA B 19 -5.50 -22.35 6.39
N THR B 20 -4.18 -22.42 6.74
CA THR B 20 -3.71 -22.45 8.12
C THR B 20 -2.64 -21.38 8.27
N LEU B 21 -2.88 -20.44 9.20
CA LEU B 21 -2.01 -19.32 9.48
C LEU B 21 -1.47 -19.48 10.90
N SER B 22 -0.23 -19.10 11.11
CA SER B 22 0.40 -19.27 12.42
C SER B 22 0.79 -17.94 13.07
N CYS B 23 0.70 -17.87 14.40
CA CYS B 23 1.15 -16.71 15.18
C CYS B 23 1.85 -17.29 16.39
N ARG B 24 3.13 -16.93 16.62
CA ARG B 24 3.86 -17.45 17.78
C ARG B 24 4.31 -16.30 18.65
N ALA B 25 3.99 -16.35 19.94
CA ALA B 25 4.41 -15.31 20.87
C ALA B 25 5.81 -15.63 21.44
N SER B 26 6.66 -14.61 21.64
CA SER B 26 8.00 -14.81 22.21
C SER B 26 7.93 -15.25 23.68
N GLN B 27 6.89 -14.82 24.41
CA GLN B 27 6.67 -15.20 25.79
C GLN B 27 5.21 -15.53 25.97
N SER B 28 4.89 -16.38 26.95
CA SER B 28 3.52 -16.76 27.20
C SER B 28 2.89 -15.81 28.21
N VAL B 29 1.79 -15.16 27.84
CA VAL B 29 1.11 -14.23 28.72
C VAL B 29 -0.34 -14.70 28.95
N SER B 30 -1.03 -14.11 29.94
CA SER B 30 -2.41 -14.47 30.31
C SER B 30 -3.51 -13.67 29.64
N SER B 31 -3.14 -12.68 28.81
CA SER B 31 -4.12 -11.88 28.07
C SER B 31 -4.66 -12.72 26.89
N TYR B 32 -5.81 -12.31 26.30
CA TYR B 32 -6.46 -13.11 25.27
C TYR B 32 -5.97 -12.73 23.90
N LEU B 33 -5.61 -13.73 23.09
CA LEU B 33 -5.09 -13.46 21.76
C LEU B 33 -6.23 -13.29 20.77
N ALA B 34 -6.13 -12.29 19.88
CA ALA B 34 -7.15 -12.03 18.87
C ALA B 34 -6.55 -12.04 17.46
N TRP B 35 -7.40 -12.31 16.45
CA TRP B 35 -7.04 -12.25 15.03
C TRP B 35 -7.92 -11.20 14.37
N TYR B 36 -7.33 -10.44 13.45
CA TYR B 36 -8.00 -9.38 12.69
C TYR B 36 -7.81 -9.65 11.22
N GLN B 37 -8.79 -9.27 10.42
CA GLN B 37 -8.70 -9.40 8.98
C GLN B 37 -8.73 -7.96 8.41
N GLN B 38 -7.87 -7.66 7.43
CA GLN B 38 -7.91 -6.38 6.75
C GLN B 38 -8.00 -6.62 5.25
N LYS B 39 -9.19 -6.41 4.69
CA LYS B 39 -9.42 -6.57 3.26
C LYS B 39 -8.80 -5.36 2.53
N PRO B 40 -8.48 -5.53 1.23
CA PRO B 40 -7.83 -4.41 0.51
C PRO B 40 -8.68 -3.13 0.53
N GLY B 41 -8.05 -2.02 0.90
CA GLY B 41 -8.68 -0.71 0.99
C GLY B 41 -9.66 -0.51 2.13
N GLN B 42 -9.75 -1.48 3.08
CA GLN B 42 -10.69 -1.38 4.19
C GLN B 42 -9.98 -1.33 5.56
N ALA B 43 -10.73 -0.95 6.59
CA ALA B 43 -10.24 -0.96 7.95
C ALA B 43 -10.12 -2.41 8.41
N PRO B 44 -9.27 -2.71 9.42
CA PRO B 44 -9.28 -4.07 9.97
C PRO B 44 -10.60 -4.37 10.68
N ARG B 45 -10.88 -5.65 10.89
CA ARG B 45 -12.05 -6.06 11.65
C ARG B 45 -11.70 -7.28 12.48
N LEU B 46 -12.34 -7.41 13.64
CA LEU B 46 -12.09 -8.53 14.52
C LEU B 46 -12.67 -9.79 13.90
N LEU B 47 -11.89 -10.87 13.90
CA LEU B 47 -12.32 -12.15 13.37
C LEU B 47 -12.50 -13.12 14.54
N ILE B 48 -11.46 -13.27 15.37
CA ILE B 48 -11.42 -14.25 16.46
C ILE B 48 -10.95 -13.57 17.73
N TYR B 49 -11.56 -13.89 18.87
CA TYR B 49 -11.14 -13.37 20.17
C TYR B 49 -10.87 -14.55 21.13
N ASP B 50 -9.94 -14.37 22.06
CA ASP B 50 -9.48 -15.40 23.00
C ASP B 50 -9.12 -16.71 22.29
N ALA B 51 -8.35 -16.58 21.19
CA ALA B 51 -7.78 -17.65 20.37
C ALA B 51 -8.74 -18.51 19.54
N SER B 52 -10.00 -18.71 19.99
CA SER B 52 -10.88 -19.65 19.30
C SER B 52 -12.33 -19.25 19.11
N ASN B 53 -12.71 -18.03 19.53
CA ASN B 53 -14.11 -17.61 19.43
C ASN B 53 -14.34 -16.69 18.27
N ARG B 54 -15.32 -17.01 17.42
CA ARG B 54 -15.64 -16.18 16.29
C ARG B 54 -16.34 -14.94 16.77
N ALA B 55 -15.95 -13.79 16.21
CA ALA B 55 -16.58 -12.52 16.55
C ALA B 55 -17.98 -12.47 15.88
N THR B 56 -18.83 -11.51 16.26
CA THR B 56 -20.18 -11.37 15.72
C THR B 56 -20.20 -11.29 14.20
N GLY B 57 -21.01 -12.11 13.56
CA GLY B 57 -21.15 -12.09 12.10
C GLY B 57 -20.02 -12.71 11.30
N ILE B 58 -19.08 -13.39 11.97
CA ILE B 58 -17.95 -14.03 11.27
C ILE B 58 -18.40 -15.43 10.85
N PRO B 59 -18.24 -15.77 9.58
CA PRO B 59 -18.74 -17.08 9.10
C PRO B 59 -18.08 -18.30 9.74
N ALA B 60 -18.82 -19.42 9.79
CA ALA B 60 -18.39 -20.70 10.37
C ALA B 60 -17.10 -21.28 9.80
N ARG B 61 -16.73 -20.93 8.56
CA ARG B 61 -15.49 -21.45 7.97
C ARG B 61 -14.22 -20.97 8.70
N PHE B 62 -14.33 -19.92 9.56
CA PHE B 62 -13.18 -19.45 10.33
C PHE B 62 -13.17 -20.10 11.69
N SER B 63 -12.02 -20.61 12.08
CA SER B 63 -11.82 -21.17 13.39
C SER B 63 -10.42 -20.85 13.89
N GLY B 64 -10.20 -20.96 15.18
CA GLY B 64 -8.91 -20.68 15.78
C GLY B 64 -8.60 -21.65 16.89
N SER B 65 -7.31 -21.86 17.15
CA SER B 65 -6.89 -22.72 18.23
C SER B 65 -5.47 -22.38 18.67
N GLY B 66 -5.04 -23.00 19.75
CA GLY B 66 -3.71 -22.81 20.27
C GLY B 66 -3.74 -22.50 21.74
N SER B 67 -2.57 -22.50 22.32
CA SER B 67 -2.39 -22.24 23.73
C SER B 67 -0.90 -22.09 23.97
N GLY B 68 -0.57 -21.42 25.07
CA GLY B 68 0.82 -21.22 25.44
C GLY B 68 1.33 -20.11 24.56
N THR B 69 2.25 -20.46 23.65
CA THR B 69 2.77 -19.45 22.74
C THR B 69 2.39 -19.70 21.27
N ASP B 70 1.81 -20.87 20.93
CA ASP B 70 1.50 -21.23 19.54
C ASP B 70 0.02 -21.14 19.21
N PHE B 71 -0.32 -20.26 18.27
CA PHE B 71 -1.71 -20.02 17.88
C PHE B 71 -1.89 -20.21 16.39
N THR B 72 -3.06 -20.65 16.00
CA THR B 72 -3.35 -20.95 14.61
C THR B 72 -4.73 -20.42 14.24
N LEU B 73 -4.86 -19.90 13.01
CA LEU B 73 -6.13 -19.47 12.45
C LEU B 73 -6.37 -20.37 11.24
N THR B 74 -7.55 -20.98 11.14
CA THR B 74 -7.88 -21.84 10.02
C THR B 74 -9.15 -21.40 9.31
N ILE B 75 -9.12 -21.43 7.97
CA ILE B 75 -10.28 -21.15 7.12
C ILE B 75 -10.49 -22.48 6.40
N SER B 76 -11.60 -23.18 6.66
CA SER B 76 -11.82 -24.53 6.15
C SER B 76 -11.88 -24.63 4.65
N SER B 77 -12.46 -23.63 4.01
CA SER B 77 -12.59 -23.61 2.56
C SER B 77 -12.66 -22.15 2.16
N LEU B 78 -11.62 -21.66 1.50
CA LEU B 78 -11.52 -20.27 1.13
C LEU B 78 -12.56 -19.73 0.18
N GLU B 79 -13.04 -18.53 0.44
CA GLU B 79 -13.94 -17.79 -0.46
C GLU B 79 -13.14 -16.63 -1.03
N PRO B 80 -13.50 -16.08 -2.21
CA PRO B 80 -12.70 -14.98 -2.75
C PRO B 80 -12.57 -13.77 -1.81
N GLU B 81 -13.57 -13.51 -0.95
CA GLU B 81 -13.50 -12.37 -0.03
C GLU B 81 -12.47 -12.59 1.11
N ASP B 82 -12.00 -13.84 1.29
CA ASP B 82 -11.05 -14.16 2.34
C ASP B 82 -9.60 -13.80 1.98
N PHE B 83 -9.31 -13.44 0.71
CA PHE B 83 -7.96 -13.06 0.28
C PHE B 83 -7.71 -11.65 0.76
N ALA B 84 -6.96 -11.55 1.86
CA ALA B 84 -6.79 -10.33 2.63
C ALA B 84 -5.53 -10.47 3.52
N VAL B 85 -5.18 -9.46 4.35
CA VAL B 85 -4.06 -9.58 5.27
C VAL B 85 -4.67 -9.88 6.65
N TYR B 86 -4.03 -10.79 7.42
CA TYR B 86 -4.46 -11.23 8.74
C TYR B 86 -3.41 -10.88 9.76
N TYR B 87 -3.82 -10.28 10.87
CA TYR B 87 -2.90 -9.90 11.93
C TYR B 87 -3.34 -10.55 13.24
N CYS B 88 -2.39 -10.94 14.08
CA CYS B 88 -2.70 -11.40 15.43
C CYS B 88 -2.30 -10.27 16.40
N GLN B 89 -2.88 -10.29 17.64
CA GLN B 89 -2.58 -9.25 18.62
C GLN B 89 -2.77 -9.87 20.02
N GLN B 90 -1.86 -9.58 20.95
CA GLN B 90 -1.97 -10.08 22.32
C GLN B 90 -1.32 -9.06 23.23
N ARG B 91 -2.06 -8.58 24.21
CA ARG B 91 -1.60 -7.56 25.14
C ARG B 91 -0.53 -8.11 26.11
N SER B 92 0.49 -7.30 26.36
CA SER B 92 1.58 -7.61 27.28
C SER B 92 1.56 -6.50 28.30
N ASN B 93 0.83 -6.71 29.43
CA ASN B 93 0.60 -5.79 30.54
C ASN B 93 -0.15 -4.53 30.04
N TRP B 94 0.55 -3.44 29.70
CA TRP B 94 -0.11 -2.25 29.13
C TRP B 94 0.31 -2.00 27.68
N MET B 95 1.20 -2.85 27.09
CA MET B 95 1.67 -2.78 25.70
C MET B 95 0.85 -3.70 24.83
N PHE B 96 0.61 -3.32 23.57
CA PHE B 96 -0.29 -4.07 22.70
C PHE B 96 0.36 -4.43 21.35
N PRO B 97 1.30 -5.40 21.31
CA PRO B 97 1.96 -5.70 20.04
C PRO B 97 1.05 -6.42 19.08
N PHE B 98 1.24 -6.16 17.79
CA PHE B 98 0.57 -6.88 16.73
C PHE B 98 1.65 -7.73 16.03
N GLY B 99 1.25 -8.83 15.44
CA GLY B 99 2.13 -9.58 14.55
C GLY B 99 2.35 -8.75 13.27
N GLN B 100 3.33 -9.10 12.43
CA GLN B 100 3.63 -8.31 11.23
C GLN B 100 2.65 -8.56 10.05
N GLY B 101 1.73 -9.50 10.21
CA GLY B 101 0.71 -9.83 9.24
C GLY B 101 1.09 -10.96 8.28
N THR B 102 0.07 -11.65 7.76
CA THR B 102 0.22 -12.68 6.74
C THR B 102 -0.72 -12.29 5.60
N LYS B 103 -0.19 -12.21 4.38
CA LYS B 103 -1.02 -11.89 3.22
C LYS B 103 -1.51 -13.21 2.63
N LEU B 104 -2.82 -13.35 2.48
CA LEU B 104 -3.41 -14.56 1.88
C LEU B 104 -3.68 -14.13 0.45
N GLU B 105 -2.92 -14.68 -0.49
CA GLU B 105 -2.91 -14.29 -1.89
C GLU B 105 -3.36 -15.46 -2.80
N ILE B 106 -3.89 -15.14 -4.00
CA ILE B 106 -4.39 -16.16 -4.91
C ILE B 106 -3.26 -16.86 -5.65
N LYS B 107 -3.16 -18.18 -5.48
CA LYS B 107 -2.16 -18.95 -6.19
C LYS B 107 -2.72 -19.23 -7.59
N ARG B 108 -1.92 -19.03 -8.58
CA ARG B 108 -2.23 -19.39 -9.96
C ARG B 108 -0.93 -20.00 -10.50
N THR B 109 -0.93 -20.45 -11.77
CA THR B 109 0.27 -21.03 -12.34
C THR B 109 1.31 -19.95 -12.57
N VAL B 110 2.59 -20.35 -12.57
CA VAL B 110 3.69 -19.41 -12.78
C VAL B 110 3.57 -18.76 -14.16
N ALA B 111 3.76 -17.42 -14.23
CA ALA B 111 3.69 -16.64 -15.46
C ALA B 111 4.89 -15.67 -15.46
N ALA B 112 5.75 -15.80 -16.46
CA ALA B 112 6.92 -14.95 -16.65
C ALA B 112 6.43 -13.55 -17.07
N PRO B 113 7.12 -12.49 -16.65
CA PRO B 113 6.71 -11.14 -17.10
C PRO B 113 7.19 -10.86 -18.51
N SER B 114 6.49 -9.97 -19.21
CA SER B 114 6.93 -9.40 -20.47
C SER B 114 7.66 -8.13 -19.98
N VAL B 115 8.88 -7.87 -20.47
CA VAL B 115 9.68 -6.76 -19.97
C VAL B 115 9.87 -5.70 -21.02
N PHE B 116 9.64 -4.44 -20.66
CA PHE B 116 9.77 -3.31 -21.58
C PHE B 116 10.60 -2.23 -20.92
N ILE B 117 11.43 -1.52 -21.70
CA ILE B 117 12.18 -0.39 -21.16
C ILE B 117 11.84 0.89 -21.94
N PHE B 118 11.71 2.01 -21.23
CA PHE B 118 11.38 3.27 -21.84
C PHE B 118 12.44 4.29 -21.50
N PRO B 119 13.10 4.85 -22.52
CA PRO B 119 14.06 5.94 -22.26
C PRO B 119 13.33 7.20 -21.80
N PRO B 120 14.02 8.16 -21.14
CA PRO B 120 13.35 9.41 -20.79
C PRO B 120 12.94 10.17 -22.05
N SER B 121 11.87 10.95 -21.96
CA SER B 121 11.45 11.76 -23.10
C SER B 121 12.35 13.01 -23.20
N ASP B 122 12.47 13.56 -24.40
CA ASP B 122 13.24 14.79 -24.61
C ASP B 122 12.57 15.96 -23.85
N GLU B 123 11.23 15.97 -23.74
CA GLU B 123 10.52 17.01 -22.98
C GLU B 123 10.97 16.98 -21.51
N GLN B 124 11.10 15.77 -20.93
CA GLN B 124 11.57 15.71 -19.53
C GLN B 124 13.02 16.17 -19.42
N LEU B 125 13.88 15.70 -20.34
CA LEU B 125 15.32 16.04 -20.34
C LEU B 125 15.55 17.54 -20.31
N LYS B 126 14.74 18.28 -21.06
CA LYS B 126 14.81 19.75 -21.12
C LYS B 126 14.63 20.39 -19.73
N SER B 127 13.89 19.75 -18.84
CA SER B 127 13.67 20.22 -17.47
C SER B 127 14.77 19.83 -16.45
N GLY B 128 15.82 19.16 -16.91
CA GLY B 128 16.93 18.81 -16.04
C GLY B 128 16.89 17.46 -15.36
N THR B 129 15.86 16.63 -15.63
CA THR B 129 15.76 15.30 -15.01
C THR B 129 15.51 14.19 -16.07
N ALA B 130 15.99 12.97 -15.81
CA ALA B 130 15.79 11.83 -16.70
C ALA B 130 15.22 10.67 -15.87
N SER B 131 14.02 10.19 -16.23
CA SER B 131 13.41 9.03 -15.58
C SER B 131 13.41 7.94 -16.62
N VAL B 132 14.04 6.80 -16.32
CA VAL B 132 14.07 5.65 -17.22
C VAL B 132 13.11 4.65 -16.56
N VAL B 133 12.14 4.12 -17.31
CA VAL B 133 11.11 3.26 -16.74
C VAL B 133 11.22 1.85 -17.28
N CYS B 134 11.20 0.86 -16.38
CA CYS B 134 11.23 -0.53 -16.74
C CYS B 134 9.90 -1.12 -16.29
N LEU B 135 9.20 -1.81 -17.20
CA LEU B 135 7.91 -2.40 -16.93
C LEU B 135 8.01 -3.92 -16.99
N LEU B 136 7.49 -4.59 -15.94
CA LEU B 136 7.37 -6.04 -15.85
C LEU B 136 5.86 -6.26 -15.86
N ASN B 137 5.33 -6.86 -16.91
CA ASN B 137 3.88 -7.00 -17.05
C ASN B 137 3.36 -8.42 -16.86
N ASN B 138 2.25 -8.56 -16.09
CA ASN B 138 1.47 -9.78 -15.91
C ASN B 138 2.28 -11.02 -15.53
N PHE B 139 2.91 -10.95 -14.36
CA PHE B 139 3.73 -12.06 -13.89
C PHE B 139 3.18 -12.64 -12.58
N TYR B 140 3.58 -13.88 -12.27
CA TYR B 140 3.22 -14.56 -11.02
C TYR B 140 4.30 -15.65 -10.76
N PRO B 141 4.85 -15.79 -9.54
CA PRO B 141 4.54 -15.07 -8.30
C PRO B 141 5.04 -13.64 -8.25
N ARG B 142 4.72 -12.90 -7.18
CA ARG B 142 5.08 -11.49 -7.05
C ARG B 142 6.58 -11.24 -6.97
N GLU B 143 7.33 -12.19 -6.41
CA GLU B 143 8.76 -12.05 -6.18
C GLU B 143 9.50 -11.83 -7.48
N ALA B 144 10.20 -10.71 -7.59
CA ALA B 144 10.97 -10.39 -8.78
C ALA B 144 12.12 -9.49 -8.38
N LYS B 145 13.29 -9.71 -8.97
CA LYS B 145 14.43 -8.86 -8.72
C LYS B 145 14.66 -8.02 -9.97
N VAL B 146 14.72 -6.71 -9.80
CA VAL B 146 14.95 -5.79 -10.91
C VAL B 146 16.22 -5.02 -10.62
N GLN B 147 17.23 -5.16 -11.46
CA GLN B 147 18.52 -4.50 -11.27
C GLN B 147 18.80 -3.54 -12.41
N TRP B 148 19.22 -2.32 -12.10
CA TRP B 148 19.59 -1.34 -13.11
C TRP B 148 21.10 -1.38 -13.36
N LYS B 149 21.50 -1.32 -14.62
CA LYS B 149 22.90 -1.30 -14.99
C LYS B 149 23.10 -0.12 -15.93
N VAL B 150 24.09 0.72 -15.65
CA VAL B 150 24.39 1.85 -16.52
C VAL B 150 25.83 1.62 -16.96
N ASP B 151 26.06 1.34 -18.26
CA ASP B 151 27.38 0.98 -18.79
C ASP B 151 27.97 -0.26 -18.09
N ASN B 152 27.10 -1.24 -17.85
CA ASN B 152 27.36 -2.54 -17.20
C ASN B 152 27.72 -2.41 -15.70
N ALA B 153 27.47 -1.24 -15.09
CA ALA B 153 27.76 -1.05 -13.66
C ALA B 153 26.45 -1.09 -12.88
N LEU B 154 26.38 -1.91 -11.83
CA LEU B 154 25.17 -2.05 -11.02
C LEU B 154 24.80 -0.74 -10.30
N GLN B 155 23.52 -0.37 -10.34
CA GLN B 155 23.05 0.85 -9.66
C GLN B 155 22.43 0.55 -8.31
N SER B 156 22.50 1.53 -7.40
CA SER B 156 21.88 1.40 -6.08
C SER B 156 21.44 2.77 -5.55
N GLY B 157 20.30 2.83 -4.88
CA GLY B 157 19.79 4.06 -4.27
C GLY B 157 19.13 5.08 -5.18
N ASN B 158 19.14 4.84 -6.51
CA ASN B 158 18.58 5.81 -7.45
C ASN B 158 17.34 5.30 -8.22
N SER B 159 16.64 4.30 -7.66
CA SER B 159 15.45 3.78 -8.31
C SER B 159 14.34 3.50 -7.30
N GLN B 160 13.09 3.48 -7.79
CA GLN B 160 11.93 3.16 -6.94
C GLN B 160 11.00 2.24 -7.72
N GLU B 161 10.35 1.30 -7.03
CA GLU B 161 9.43 0.36 -7.64
C GLU B 161 8.01 0.60 -7.16
N SER B 162 7.07 0.24 -8.00
CA SER B 162 5.66 0.28 -7.63
C SER B 162 5.04 -1.02 -8.18
N VAL B 163 4.20 -1.69 -7.39
CA VAL B 163 3.60 -2.95 -7.83
C VAL B 163 2.11 -2.84 -7.71
N THR B 164 1.38 -3.34 -8.72
CA THR B 164 -0.05 -3.35 -8.66
C THR B 164 -0.52 -4.45 -7.66
N GLU B 165 -1.79 -4.36 -7.27
CA GLU B 165 -2.42 -5.43 -6.51
C GLU B 165 -2.76 -6.53 -7.52
N GLN B 166 -2.93 -7.75 -7.02
CA GLN B 166 -3.21 -8.91 -7.86
C GLN B 166 -4.44 -8.69 -8.75
N ASP B 167 -4.31 -8.88 -10.06
CA ASP B 167 -5.40 -8.63 -11.00
C ASP B 167 -6.64 -9.48 -10.66
N SER B 168 -7.82 -8.84 -10.62
CA SER B 168 -9.08 -9.53 -10.26
C SER B 168 -9.48 -10.61 -11.27
N LYS B 169 -9.03 -10.49 -12.52
CA LYS B 169 -9.36 -11.45 -13.55
C LYS B 169 -8.28 -12.54 -13.76
N ASP B 170 -6.98 -12.17 -13.90
CA ASP B 170 -5.96 -13.19 -14.20
C ASP B 170 -4.99 -13.50 -13.04
N SER B 171 -5.14 -12.83 -11.91
CA SER B 171 -4.31 -13.04 -10.71
C SER B 171 -2.82 -12.78 -10.87
N THR B 172 -2.41 -11.98 -11.85
CA THR B 172 -1.01 -11.63 -12.02
C THR B 172 -0.73 -10.24 -11.37
N TYR B 173 0.56 -9.88 -11.27
CA TYR B 173 1.05 -8.61 -10.80
C TYR B 173 1.75 -7.92 -11.96
N SER B 174 1.83 -6.60 -11.89
CA SER B 174 2.63 -5.81 -12.81
C SER B 174 3.48 -4.91 -11.95
N LEU B 175 4.65 -4.52 -12.44
CA LEU B 175 5.59 -3.75 -11.65
C LEU B 175 6.31 -2.74 -12.51
N SER B 176 6.51 -1.54 -11.97
CA SER B 176 7.31 -0.53 -12.63
C SER B 176 8.54 -0.29 -11.78
N SER B 177 9.71 -0.13 -12.42
CA SER B 177 10.91 0.30 -11.71
C SER B 177 11.39 1.56 -12.45
N THR B 178 11.53 2.67 -11.73
CA THR B 178 11.93 3.93 -12.32
C THR B 178 13.30 4.36 -11.82
N LEU B 179 14.27 4.54 -12.72
CA LEU B 179 15.61 5.00 -12.39
C LEU B 179 15.61 6.53 -12.63
N THR B 180 15.94 7.34 -11.62
CA THR B 180 15.96 8.79 -11.77
C THR B 180 17.37 9.33 -11.69
N LEU B 181 17.79 10.06 -12.72
CA LEU B 181 19.12 10.64 -12.84
C LEU B 181 18.98 12.12 -13.21
N SER B 182 19.99 12.94 -12.90
CA SER B 182 19.99 14.33 -13.38
C SER B 182 20.28 14.26 -14.89
N LYS B 183 19.95 15.30 -15.64
CA LYS B 183 20.22 15.35 -17.08
C LYS B 183 21.74 15.19 -17.36
N ALA B 184 22.60 15.86 -16.58
CA ALA B 184 24.05 15.78 -16.78
C ALA B 184 24.58 14.35 -16.58
N ASP B 185 24.11 13.64 -15.55
CA ASP B 185 24.57 12.27 -15.31
C ASP B 185 24.04 11.33 -16.41
N TYR B 186 22.79 11.56 -16.87
CA TYR B 186 22.20 10.75 -17.92
C TYR B 186 23.03 10.82 -19.21
N GLU B 187 23.43 12.05 -19.61
CA GLU B 187 24.22 12.27 -20.81
C GLU B 187 25.70 11.87 -20.69
N LYS B 188 26.18 11.58 -19.48
CA LYS B 188 27.56 11.11 -19.30
C LYS B 188 27.69 9.62 -19.66
N HIS B 189 26.58 8.85 -19.65
CA HIS B 189 26.60 7.42 -19.89
C HIS B 189 25.90 6.98 -21.17
N LYS B 190 26.18 5.77 -21.64
CA LYS B 190 25.63 5.30 -22.90
C LYS B 190 24.54 4.21 -22.79
N VAL B 191 24.82 3.09 -22.15
CA VAL B 191 23.91 1.95 -22.14
C VAL B 191 23.08 1.90 -20.89
N TYR B 192 21.74 1.87 -21.05
CA TYR B 192 20.83 1.81 -19.91
C TYR B 192 20.13 0.48 -19.95
N ALA B 193 20.25 -0.31 -18.89
CA ALA B 193 19.74 -1.68 -18.89
C ALA B 193 18.94 -2.02 -17.65
N CYS B 194 17.82 -2.74 -17.84
CA CYS B 194 16.99 -3.21 -16.75
C CYS B 194 17.07 -4.74 -16.78
N GLU B 195 17.59 -5.39 -15.72
CA GLU B 195 17.72 -6.84 -15.64
C GLU B 195 16.70 -7.45 -14.68
N VAL B 196 15.88 -8.39 -15.18
CA VAL B 196 14.79 -9.01 -14.42
C VAL B 196 15.05 -10.48 -14.13
N THR B 197 14.97 -10.87 -12.85
CA THR B 197 15.08 -12.26 -12.41
C THR B 197 13.73 -12.66 -11.86
N HIS B 198 13.15 -13.74 -12.37
CA HIS B 198 11.84 -14.21 -11.97
C HIS B 198 11.77 -15.73 -12.20
N GLN B 199 11.03 -16.43 -11.36
CA GLN B 199 10.85 -17.88 -11.42
C GLN B 199 10.39 -18.41 -12.77
N GLY B 200 9.60 -17.61 -13.49
CA GLY B 200 9.06 -18.01 -14.78
C GLY B 200 10.02 -17.90 -15.95
N LEU B 201 11.20 -17.31 -15.72
CA LEU B 201 12.22 -17.17 -16.75
C LEU B 201 13.35 -18.17 -16.46
N SER B 202 13.83 -18.89 -17.48
CA SER B 202 14.94 -19.84 -17.26
C SER B 202 16.26 -19.13 -16.89
N SER B 203 16.42 -17.89 -17.36
CA SER B 203 17.58 -17.06 -17.05
C SER B 203 17.10 -15.60 -16.90
N PRO B 204 17.86 -14.71 -16.21
CA PRO B 204 17.43 -13.30 -16.14
C PRO B 204 17.28 -12.69 -17.53
N VAL B 205 16.33 -11.76 -17.70
CA VAL B 205 16.08 -11.11 -18.98
C VAL B 205 16.38 -9.64 -18.84
N THR B 206 17.15 -9.11 -19.77
CA THR B 206 17.53 -7.70 -19.81
C THR B 206 16.87 -6.97 -20.96
N LYS B 207 16.34 -5.77 -20.70
CA LYS B 207 15.89 -4.89 -21.77
C LYS B 207 16.76 -3.65 -21.66
N SER B 208 17.34 -3.22 -22.77
CA SER B 208 18.28 -2.10 -22.75
C SER B 208 18.22 -1.19 -23.96
N PHE B 209 18.86 -0.02 -23.89
CA PHE B 209 18.97 0.90 -25.02
C PHE B 209 20.29 1.70 -24.91
N ASN B 210 20.78 2.17 -26.04
CA ASN B 210 21.95 3.03 -26.12
C ASN B 210 21.37 4.45 -26.24
N ARG B 211 21.66 5.33 -25.28
CA ARG B 211 21.12 6.71 -25.23
C ARG B 211 21.21 7.45 -26.58
N GLY B 212 20.07 8.05 -26.97
CA GLY B 212 19.97 8.83 -28.20
C GLY B 212 19.97 8.03 -29.48
N GLU B 213 19.21 6.93 -29.52
CA GLU B 213 19.12 6.07 -30.71
C GLU B 213 17.64 5.89 -31.10
N CYS B 214 17.33 5.79 -32.40
CA CYS B 214 15.96 5.59 -32.84
C CYS B 214 15.69 4.12 -33.15
OH2 ETE C . -0.33 21.46 3.09
C12 ETE C . -1.30 21.35 2.02
C22 ETE C . -0.55 21.49 0.67
OH3 ETE C . -0.21 22.88 0.38
C13 ETE C . -0.86 25.22 -0.04
C23 ETE C . -1.27 23.85 0.59
OH4 ETE C . 0.41 25.61 0.51
C14 ETE C . 1.88 27.38 1.31
C24 ETE C . 0.77 27.00 0.30
OH5 ETE C . 1.41 27.07 2.65
C15 ETE C . 1.60 27.22 5.05
C25 ETE C . 2.30 27.51 3.70
OH6 ETE C . 0.93 25.95 4.92
C26 ETE C . -0.41 25.97 5.43
OH2 ETE D . -13.47 -1.48 27.49
C12 ETE D . -13.66 -2.36 28.62
C22 ETE D . -15.17 -2.67 28.82
OH3 ETE D . -15.52 -3.86 28.06
C13 ETE D . -17.28 -5.29 27.23
C23 ETE D . -16.86 -4.29 28.33
OH4 ETE D . -16.57 -6.52 27.46
C14 ETE D . -16.53 -8.92 27.43
C24 ETE D . -17.17 -7.65 26.82
OH5 ETE D . -16.93 -9.03 28.82
C15 ETE D . -16.03 -10.80 30.28
C25 ETE D . -17.11 -10.41 29.23
OH6 ETE D . -15.00 -11.56 29.61
C26 ETE D . -14.19 -12.35 30.50
OH2 ETE E . 1.72 21.95 -14.22
C12 ETE E . 2.94 21.49 -13.61
C22 ETE E . 4.16 21.94 -14.44
OH3 ETE E . 4.88 22.93 -13.67
C13 ETE E . 6.87 23.30 -12.32
C23 ETE E . 6.31 22.77 -13.66
OH4 ETE E . 7.93 22.42 -11.88
C14 ETE E . 8.81 20.17 -11.45
C24 ETE E . 7.61 21.01 -11.97
OH5 ETE E . 8.61 19.89 -10.05
C15 ETE E . 9.94 20.13 -8.02
C25 ETE E . 9.21 20.86 -9.17
OH6 ETE E . 10.80 19.12 -8.57
C26 ETE E . 11.58 18.42 -7.59
OH2 ETE F . 8.23 -4.02 5.34
C12 ETE F . 6.94 -3.76 4.75
C22 ETE F . 5.86 -4.64 5.43
OH3 ETE F . 5.72 -4.31 6.84
C13 ETE F . 5.14 -5.17 9.04
C23 ETE F . 4.86 -5.24 7.53
OH4 ETE F . 4.94 -3.84 9.56
C14 ETE F . 5.42 -2.61 11.64
C24 ETE F . 4.77 -3.86 10.99
OH5 ETE F . 4.73 -1.44 11.18
C15 ETE F . 6.78 -0.21 11.68
C25 ETE F . 5.63 -0.43 10.67
OH6 ETE F . 7.94 0.26 10.96
C26 ETE F . 8.60 -0.79 10.23
OH2 ETE G . -8.56 -5.26 30.18
C12 ETE G . -9.21 -6.15 31.10
C22 ETE G . -9.86 -7.30 30.31
OH3 ETE G . -8.92 -8.37 30.19
C13 ETE G . -8.34 -10.70 30.43
C23 ETE G . -9.42 -9.63 30.68
OH4 ETE G . -7.08 -10.17 30.90
C14 ETE G . -4.99 -11.13 31.64
C24 ETE G . -6.49 -10.98 31.93
OH5 ETE G . -4.24 -10.59 32.74
C15 ETE G . -2.86 -8.75 33.49
C25 ETE G . -3.12 -9.76 32.35
OH6 ETE G . -2.49 -7.49 32.91
C26 ETE G . -2.81 -6.35 33.74
OH2 ETE H . -1.65 -4.04 3.84
C12 ETE H . -0.67 -4.25 2.81
C22 ETE H . 0.71 -4.14 3.47
OH3 ETE H . 0.89 -5.34 4.25
C13 ETE H . 1.49 -6.50 6.23
C23 ETE H . 1.46 -5.11 5.55
OH4 ETE H . 2.11 -7.36 5.27
C14 ETE H . 3.19 -9.44 4.91
C24 ETE H . 1.98 -8.75 5.57
OH5 ETE H . 2.93 -9.46 3.49
C15 ETE H . 3.79 -9.90 1.25
C25 ETE H . 3.98 -10.14 2.77
OH6 ETE H . 3.52 -8.51 0.99
C26 ETE H . 3.50 -8.17 -0.41
OH2 ETE I . 25.10 7.04 -12.16
C12 ETE I . 25.59 6.23 -13.25
C22 ETE I . 27.04 5.76 -12.95
OH3 ETE I . 27.02 4.46 -12.30
C13 ETE I . 27.91 3.02 -10.56
C23 ETE I . 28.19 4.18 -11.53
OH4 ETE I . 27.39 3.56 -9.32
C14 ETE I . 25.83 3.33 -7.42
C24 ETE I . 26.51 2.64 -8.63
OH5 ETE I . 24.53 3.81 -7.82
C15 ETE I . 24.37 6.25 -7.65
C25 ETE I . 24.59 5.03 -8.59
OH6 ETE I . 23.31 5.97 -6.72
C26 ETE I . 22.94 7.12 -5.93
#